data_6EFK
#
_entry.id   6EFK
#
_cell.length_a   46.709
_cell.length_b   70.342
_cell.length_c   77.072
_cell.angle_alpha   90.00
_cell.angle_beta   90.00
_cell.angle_gamma   90.00
#
_symmetry.space_group_name_H-M   'P 21 21 21'
#
loop_
_entity.id
_entity.type
_entity.pdbx_description
1 polymer 'E3 ubiquitin-protein ligase CHIP'
2 polymer ACE-ILE-GLU-GLU-VAL-ASP
3 non-polymer 'SODIUM ION'
4 water water
#
loop_
_entity_poly.entity_id
_entity_poly.type
_entity_poly.pdbx_seq_one_letter_code
_entity_poly.pdbx_strand_id
1 'polypeptide(L)'
;SPSAQELKEQGNRLFVGRKYPEAAACYGRAITRNPLVAVYYTNRALCYLKMQQHEQALADCRRALELDGQSVKAHFFLGQ
CQLEMESYDEAIANLQRAYSLAKEQRLNFGDDIPSALRIAKKKRWNSIEERR
;
A,B
2 'polypeptide(L)' (ACE)IEEVD C,D
#
# COMPACT_ATOMS: atom_id res chain seq x y z
N SER A 1 -27.79 9.96 -13.85
CA SER A 1 -28.88 10.32 -12.96
C SER A 1 -28.33 10.95 -11.68
N PRO A 2 -27.31 10.35 -11.06
CA PRO A 2 -26.68 11.00 -9.92
C PRO A 2 -25.75 12.11 -10.35
N SER A 3 -25.58 13.08 -9.44
CA SER A 3 -24.72 14.23 -9.66
C SER A 3 -23.26 13.88 -9.41
N ALA A 4 -22.37 14.81 -9.75
CA ALA A 4 -20.95 14.57 -9.54
C ALA A 4 -20.66 14.33 -8.06
N GLN A 5 -21.26 15.13 -7.17
CA GLN A 5 -21.03 14.96 -5.75
C GLN A 5 -21.55 13.61 -5.27
N GLU A 6 -22.73 13.20 -5.72
CA GLU A 6 -23.26 11.90 -5.33
C GLU A 6 -22.36 10.76 -5.80
N LEU A 7 -21.81 10.88 -7.02
CA LEU A 7 -20.92 9.86 -7.53
C LEU A 7 -19.62 9.83 -6.76
N LYS A 8 -19.10 11.00 -6.38
CA LYS A 8 -17.92 11.03 -5.52
C LYS A 8 -18.19 10.33 -4.20
N GLU A 9 -19.37 10.59 -3.61
CA GLU A 9 -19.72 9.96 -2.34
C GLU A 9 -19.84 8.44 -2.49
N GLN A 10 -20.41 7.97 -3.61
CA GLN A 10 -20.45 6.52 -3.86
C GLN A 10 -19.05 5.95 -4.01
N GLY A 11 -18.18 6.64 -4.73
CA GLY A 11 -16.80 6.20 -4.82
C GLY A 11 -16.13 6.12 -3.46
N ASN A 12 -16.34 7.12 -2.62
CA ASN A 12 -15.74 7.14 -1.29
C ASN A 12 -16.24 5.97 -0.43
N ARG A 13 -17.51 5.61 -0.57
CA ARG A 13 -18.01 4.45 0.17
C ARG A 13 -17.35 3.16 -0.32
N LEU A 14 -17.18 3.00 -1.63
CA LEU A 14 -16.51 1.83 -2.18
C LEU A 14 -15.05 1.77 -1.76
N PHE A 15 -14.39 2.94 -1.69
CA PHE A 15 -13.00 3.00 -1.24
C PHE A 15 -12.86 2.49 0.18
N VAL A 16 -13.71 2.98 1.08
CA VAL A 16 -13.69 2.53 2.47
C VAL A 16 -13.97 1.04 2.55
N GLY A 17 -14.78 0.52 1.64
CA GLY A 17 -15.04 -0.91 1.52
C GLY A 17 -13.96 -1.72 0.84
N ARG A 18 -12.86 -1.07 0.44
CA ARG A 18 -11.70 -1.72 -0.19
C ARG A 18 -12.02 -2.26 -1.58
N LYS A 19 -12.93 -1.59 -2.28
CA LYS A 19 -13.35 -1.95 -3.64
C LYS A 19 -12.75 -0.92 -4.59
N TYR A 20 -11.47 -1.09 -4.88
CA TYR A 20 -10.71 0.01 -5.47
C TYR A 20 -10.98 0.23 -6.96
N PRO A 21 -11.04 -0.82 -7.79
CA PRO A 21 -11.42 -0.59 -9.20
C PRO A 21 -12.81 -0.04 -9.33
N GLU A 22 -13.72 -0.47 -8.45
CA GLU A 22 -15.08 0.05 -8.49
C GLU A 22 -15.11 1.51 -8.04
N ALA A 23 -14.37 1.85 -7.00
CA ALA A 23 -14.27 3.25 -6.58
C ALA A 23 -13.70 4.11 -7.69
N ALA A 24 -12.64 3.64 -8.34
CA ALA A 24 -12.04 4.41 -9.43
C ALA A 24 -13.04 4.66 -10.54
N ALA A 25 -13.85 3.65 -10.88
CA ALA A 25 -14.85 3.86 -11.93
C ALA A 25 -15.86 4.93 -11.52
N CYS A 26 -16.24 4.95 -10.24
CA CYS A 26 -17.16 5.96 -9.74
C CYS A 26 -16.59 7.36 -9.84
N TYR A 27 -15.30 7.52 -9.53
CA TYR A 27 -14.68 8.83 -9.73
C TYR A 27 -14.63 9.18 -11.21
N GLY A 28 -14.42 8.19 -12.07
CA GLY A 28 -14.53 8.44 -13.51
C GLY A 28 -15.91 8.93 -13.92
N ARG A 29 -16.97 8.37 -13.33
CA ARG A 29 -18.30 8.90 -13.61
C ARG A 29 -18.47 10.32 -13.10
N ALA A 30 -17.95 10.61 -11.91
CA ALA A 30 -18.00 11.98 -11.41
C ALA A 30 -17.29 12.93 -12.37
N ILE A 31 -16.17 12.50 -12.94
CA ILE A 31 -15.42 13.33 -13.87
C ILE A 31 -16.25 13.61 -15.13
N THR A 32 -17.10 12.67 -15.54
CA THR A 32 -18.00 12.93 -16.66
CA THR A 32 -17.99 12.95 -16.67
C THR A 32 -18.97 14.07 -16.35
N ARG A 33 -19.37 14.22 -15.09
CA ARG A 33 -20.28 15.30 -14.73
C ARG A 33 -19.54 16.61 -14.56
N ASN A 34 -18.35 16.58 -13.99
CA ASN A 34 -17.56 17.79 -13.80
C ASN A 34 -16.10 17.38 -13.84
N PRO A 35 -15.42 17.61 -14.97
CA PRO A 35 -14.00 17.21 -15.09
C PRO A 35 -13.02 18.24 -14.55
N LEU A 36 -13.52 19.29 -13.90
CA LEU A 36 -12.65 20.37 -13.43
C LEU A 36 -12.47 20.38 -11.91
N VAL A 37 -12.70 19.25 -11.24
CA VAL A 37 -12.62 19.13 -9.80
C VAL A 37 -11.40 18.28 -9.46
N ALA A 38 -10.39 18.91 -8.83
CA ALA A 38 -9.12 18.22 -8.60
C ALA A 38 -9.29 17.00 -7.71
N VAL A 39 -10.21 17.05 -6.74
CA VAL A 39 -10.37 15.96 -5.79
C VAL A 39 -10.76 14.65 -6.47
N TYR A 40 -11.50 14.70 -7.59
CA TYR A 40 -11.86 13.45 -8.25
C TYR A 40 -10.63 12.73 -8.77
N TYR A 41 -9.66 13.50 -9.29
CA TYR A 41 -8.44 12.92 -9.82
C TYR A 41 -7.51 12.46 -8.71
N THR A 42 -7.43 13.18 -7.59
CA THR A 42 -6.61 12.75 -6.48
CA THR A 42 -6.58 12.71 -6.50
C THR A 42 -7.16 11.46 -5.85
N ASN A 43 -8.48 11.41 -5.66
CA ASN A 43 -9.11 10.19 -5.15
C ASN A 43 -8.84 9.02 -6.11
N ARG A 44 -9.01 9.26 -7.42
CA ARG A 44 -8.81 8.15 -8.35
C ARG A 44 -7.35 7.73 -8.41
N ALA A 45 -6.42 8.70 -8.28
CA ALA A 45 -5.01 8.38 -8.25
C ALA A 45 -4.68 7.43 -7.10
N LEU A 46 -5.28 7.67 -5.93
CA LEU A 46 -5.05 6.78 -4.79
C LEU A 46 -5.58 5.37 -5.07
N CYS A 47 -6.74 5.27 -5.73
CA CYS A 47 -7.23 3.96 -6.15
C CYS A 47 -6.22 3.27 -7.06
N TYR A 48 -5.73 4.00 -8.06
CA TYR A 48 -4.78 3.41 -9.00
C TYR A 48 -3.51 2.97 -8.31
N LEU A 49 -3.05 3.73 -7.30
CA LEU A 49 -1.88 3.29 -6.53
C LEU A 49 -2.14 1.95 -5.87
N LYS A 50 -3.31 1.81 -5.23
CA LYS A 50 -3.66 0.54 -4.60
C LYS A 50 -3.76 -0.59 -5.61
N MET A 51 -4.13 -0.28 -6.85
CA MET A 51 -4.26 -1.27 -7.92
C MET A 51 -2.95 -1.51 -8.66
N GLN A 52 -1.86 -0.91 -8.20
CA GLN A 52 -0.52 -1.02 -8.86
C GLN A 52 -0.58 -0.47 -10.30
N GLN A 53 -1.40 0.52 -10.53
CA GLN A 53 -1.53 1.12 -11.85
C GLN A 53 -0.81 2.48 -11.83
N HIS A 54 0.53 2.42 -11.75
CA HIS A 54 1.30 3.62 -11.44
C HIS A 54 1.25 4.64 -12.56
N GLU A 55 1.28 4.18 -13.80
CA GLU A 55 1.20 5.12 -14.93
C GLU A 55 -0.10 5.90 -14.89
N GLN A 56 -1.22 5.22 -14.61
CA GLN A 56 -2.51 5.90 -14.53
C GLN A 56 -2.58 6.81 -13.31
N ALA A 57 -1.96 6.40 -12.21
CA ALA A 57 -1.93 7.25 -11.01
C ALA A 57 -1.17 8.54 -11.28
N LEU A 58 0.00 8.43 -11.91
CA LEU A 58 0.81 9.60 -12.25
C LEU A 58 0.02 10.57 -13.11
N ALA A 59 -0.66 10.04 -14.14
CA ALA A 59 -1.47 10.88 -15.00
C ALA A 59 -2.56 11.60 -14.22
N ASP A 60 -3.22 10.92 -13.29
CA ASP A 60 -4.27 11.60 -12.49
C ASP A 60 -3.69 12.68 -11.57
N CYS A 61 -2.54 12.39 -10.96
CA CYS A 61 -1.90 13.42 -10.15
C CYS A 61 -1.59 14.66 -10.97
N ARG A 62 -1.14 14.46 -12.21
CA ARG A 62 -0.83 15.60 -13.08
C ARG A 62 -2.10 16.37 -13.42
N ARG A 63 -3.19 15.67 -13.71
CA ARG A 63 -4.46 16.35 -13.95
C ARG A 63 -4.91 17.15 -12.74
N ALA A 64 -4.80 16.55 -11.55
CA ALA A 64 -5.18 17.25 -10.33
C ALA A 64 -4.34 18.51 -10.14
N LEU A 65 -3.04 18.40 -10.40
CA LEU A 65 -2.13 19.54 -10.18
C LEU A 65 -2.38 20.67 -11.15
N GLU A 66 -2.90 20.38 -12.35
CA GLU A 66 -3.27 21.44 -13.28
C GLU A 66 -4.50 22.19 -12.80
N LEU A 67 -5.34 21.54 -12.01
CA LEU A 67 -6.56 22.14 -11.48
C LEU A 67 -6.38 22.77 -10.10
N ASP A 68 -5.49 22.23 -9.26
CA ASP A 68 -5.21 22.73 -7.91
C ASP A 68 -3.72 22.58 -7.66
N GLY A 69 -2.96 23.62 -7.99
CA GLY A 69 -1.52 23.59 -7.83
C GLY A 69 -1.05 23.50 -6.39
N GLN A 70 -1.93 23.81 -5.43
CA GLN A 70 -1.60 23.76 -4.01
C GLN A 70 -2.06 22.47 -3.33
N SER A 71 -2.46 21.45 -4.09
CA SER A 71 -3.02 20.25 -3.49
C SER A 71 -1.96 19.46 -2.73
N VAL A 72 -2.14 19.33 -1.42
CA VAL A 72 -1.23 18.51 -0.62
C VAL A 72 -1.28 17.06 -1.09
N LYS A 73 -2.48 16.53 -1.27
CA LYS A 73 -2.61 15.12 -1.59
C LYS A 73 -2.10 14.77 -2.99
N ALA A 74 -2.27 15.66 -3.99
CA ALA A 74 -1.73 15.35 -5.31
C ALA A 74 -0.22 15.26 -5.26
N HIS A 75 0.43 16.16 -4.51
CA HIS A 75 1.88 16.09 -4.35
C HIS A 75 2.29 14.82 -3.59
N PHE A 76 1.54 14.47 -2.54
CA PHE A 76 1.89 13.31 -1.74
C PHE A 76 1.71 12.01 -2.54
N PHE A 77 0.58 11.86 -3.21
CA PHE A 77 0.34 10.66 -4.00
C PHE A 77 1.31 10.58 -5.17
N LEU A 78 1.67 11.73 -5.76
CA LEU A 78 2.68 11.73 -6.81
C LEU A 78 4.01 11.23 -6.26
N GLY A 79 4.38 11.69 -5.08
CA GLY A 79 5.62 11.23 -4.47
C GLY A 79 5.60 9.74 -4.16
N GLN A 80 4.46 9.25 -3.63
CA GLN A 80 4.38 7.82 -3.33
C GLN A 80 4.46 7.00 -4.60
N CYS A 81 3.85 7.50 -5.67
CA CYS A 81 3.91 6.83 -6.95
C CYS A 81 5.34 6.77 -7.48
N GLN A 82 6.04 7.91 -7.44
CA GLN A 82 7.44 7.97 -7.87
C GLN A 82 8.34 7.09 -6.98
N LEU A 83 8.07 7.00 -5.69
CA LEU A 83 8.88 6.12 -4.82
C LEU A 83 8.69 4.65 -5.26
N GLU A 84 7.46 4.23 -5.52
CA GLU A 84 7.25 2.83 -5.92
C GLU A 84 7.87 2.54 -7.28
N MET A 85 8.00 3.57 -8.12
CA MET A 85 8.70 3.46 -9.39
C MET A 85 10.21 3.70 -9.29
N GLU A 86 10.75 3.85 -8.07
CA GLU A 86 12.17 3.99 -7.81
C GLU A 86 12.77 5.29 -8.34
N SER A 87 11.94 6.31 -8.52
CA SER A 87 12.40 7.65 -8.88
C SER A 87 12.54 8.46 -7.59
N TYR A 88 13.62 8.17 -6.85
CA TYR A 88 13.69 8.56 -5.44
C TYR A 88 13.81 10.06 -5.26
N ASP A 89 14.66 10.72 -6.05
CA ASP A 89 14.86 12.17 -5.85
C ASP A 89 13.61 12.96 -6.16
N GLU A 90 12.93 12.63 -7.26
CA GLU A 90 11.64 13.27 -7.55
C GLU A 90 10.63 12.98 -6.45
N ALA A 91 10.61 11.73 -5.98
CA ALA A 91 9.65 11.35 -4.95
C ALA A 91 9.87 12.20 -3.70
N ILE A 92 11.11 12.33 -3.27
CA ILE A 92 11.42 13.09 -2.05
C ILE A 92 11.05 14.55 -2.22
N ALA A 93 11.32 15.14 -3.38
CA ALA A 93 10.94 16.52 -3.61
C ALA A 93 9.42 16.72 -3.49
N ASN A 94 8.65 15.79 -4.06
CA ASN A 94 7.19 15.94 -4.02
C ASN A 94 6.66 15.71 -2.61
N LEU A 95 7.24 14.75 -1.89
CA LEU A 95 6.87 14.55 -0.48
C LEU A 95 7.22 15.76 0.36
N GLN A 96 8.40 16.35 0.14
CA GLN A 96 8.77 17.55 0.88
C GLN A 96 7.85 18.70 0.54
N ARG A 97 7.44 18.80 -0.72
CA ARG A 97 6.50 19.86 -1.10
C ARG A 97 5.15 19.61 -0.45
N ALA A 98 4.70 18.36 -0.39
CA ALA A 98 3.47 18.04 0.36
C ALA A 98 3.57 18.50 1.82
N TYR A 99 4.70 18.25 2.46
CA TYR A 99 4.91 18.70 3.83
C TYR A 99 4.77 20.22 3.94
N SER A 100 5.47 20.95 3.06
CA SER A 100 5.43 22.40 3.12
C SER A 100 4.02 22.95 2.88
N LEU A 101 3.30 22.36 1.92
CA LEU A 101 1.94 22.82 1.67
C LEU A 101 1.02 22.50 2.84
N ALA A 102 1.20 21.32 3.44
CA ALA A 102 0.40 20.96 4.62
C ALA A 102 0.63 21.95 5.76
N LYS A 103 1.88 22.37 5.97
CA LYS A 103 2.18 23.35 7.01
C LYS A 103 1.46 24.66 6.72
N GLU A 104 1.58 25.15 5.48
CA GLU A 104 0.93 26.41 5.12
C GLU A 104 -0.59 26.33 5.26
N GLN A 105 -1.17 25.16 5.00
CA GLN A 105 -2.60 25.00 5.04
C GLN A 105 -3.12 24.54 6.40
N ARG A 106 -2.22 24.38 7.37
CA ARG A 106 -2.61 23.98 8.74
C ARG A 106 -3.27 22.60 8.75
N LEU A 107 -2.75 21.71 7.92
CA LEU A 107 -3.20 20.34 7.82
C LEU A 107 -2.24 19.44 8.58
N ASN A 108 -2.79 18.44 9.25
CA ASN A 108 -1.99 17.46 9.99
C ASN A 108 -2.59 16.09 9.78
N PHE A 109 -1.74 15.12 9.46
CA PHE A 109 -2.16 13.77 9.15
C PHE A 109 -1.48 12.76 10.08
N GLY A 110 -1.36 13.11 11.35
CA GLY A 110 -0.79 12.18 12.32
C GLY A 110 0.64 11.78 12.01
N ASP A 111 1.43 12.70 11.44
CA ASP A 111 2.83 12.49 11.09
C ASP A 111 3.04 11.58 9.88
N ASP A 112 1.99 11.36 9.07
CA ASP A 112 2.11 10.55 7.87
C ASP A 112 3.12 11.11 6.88
N ILE A 113 3.18 12.43 6.74
CA ILE A 113 4.07 13.01 5.73
C ILE A 113 5.53 12.86 6.16
N PRO A 114 5.94 13.29 7.36
CA PRO A 114 7.32 13.00 7.78
C PRO A 114 7.65 11.52 7.78
N SER A 115 6.69 10.66 8.15
CA SER A 115 6.96 9.22 8.13
C SER A 115 7.24 8.73 6.72
N ALA A 116 6.48 9.22 5.74
CA ALA A 116 6.69 8.81 4.36
C ALA A 116 8.01 9.32 3.82
N LEU A 117 8.39 10.56 4.19
CA LEU A 117 9.69 11.07 3.80
C LEU A 117 10.82 10.18 4.31
N ARG A 118 10.74 9.76 5.57
CA ARG A 118 11.77 8.89 6.11
C ARG A 118 11.80 7.56 5.38
N ILE A 119 10.62 6.98 5.09
CA ILE A 119 10.59 5.73 4.33
C ILE A 119 11.21 5.93 2.95
N ALA A 120 10.93 7.06 2.30
CA ALA A 120 11.50 7.32 0.98
C ALA A 120 13.01 7.54 1.03
N LYS A 121 13.49 8.31 2.01
CA LYS A 121 14.94 8.53 2.11
C LYS A 121 15.67 7.26 2.50
N LYS A 122 15.06 6.40 3.34
CA LYS A 122 15.69 5.13 3.69
C LYS A 122 15.77 4.21 2.47
N LYS A 123 14.70 4.17 1.65
CA LYS A 123 14.73 3.37 0.44
C LYS A 123 15.81 3.87 -0.53
N ARG A 124 15.91 5.20 -0.70
CA ARG A 124 16.96 5.75 -1.55
C ARG A 124 18.33 5.38 -1.03
N TRP A 125 18.54 5.50 0.29
CA TRP A 125 19.82 5.11 0.84
C TRP A 125 20.10 3.63 0.60
N ASN A 126 19.09 2.78 0.81
CA ASN A 126 19.30 1.35 0.58
C ASN A 126 19.73 1.07 -0.85
N SER A 127 19.18 1.81 -1.82
CA SER A 127 19.59 1.62 -3.21
C SER A 127 21.02 2.08 -3.46
N ILE A 128 21.45 3.14 -2.77
CA ILE A 128 22.82 3.63 -2.89
C ILE A 128 23.79 2.68 -2.21
N GLU A 129 23.45 2.23 -1.00
CA GLU A 129 24.34 1.36 -0.25
C GLU A 129 24.56 0.04 -0.97
N GLU A 130 23.55 -0.46 -1.68
CA GLU A 130 23.67 -1.74 -2.37
C GLU A 130 24.65 -1.70 -3.54
N ARG A 131 25.00 -0.51 -4.03
CA ARG A 131 26.03 -0.41 -5.06
C ARG A 131 27.43 -0.63 -4.51
N ARG A 132 27.61 -0.44 -3.20
CA ARG A 132 28.92 -0.56 -2.56
C ARG A 132 29.46 -1.99 -2.56
N SER B 1 10.83 -5.43 31.15
CA SER B 1 10.99 -6.84 30.79
C SER B 1 9.67 -7.46 30.33
N PRO B 2 9.07 -6.93 29.26
CA PRO B 2 7.76 -7.44 28.84
C PRO B 2 7.85 -8.79 28.15
N SER B 3 6.71 -9.49 28.14
CA SER B 3 6.62 -10.76 27.46
C SER B 3 6.53 -10.57 25.94
N ALA B 4 6.74 -11.66 25.21
CA ALA B 4 6.57 -11.64 23.77
C ALA B 4 5.18 -11.15 23.37
N GLN B 5 4.14 -11.65 24.04
CA GLN B 5 2.79 -11.23 23.70
C GLN B 5 2.59 -9.74 23.96
N GLU B 6 3.13 -9.24 25.07
CA GLU B 6 3.05 -7.81 25.36
C GLU B 6 3.74 -6.99 24.28
N LEU B 7 4.89 -7.48 23.80
CA LEU B 7 5.61 -6.74 22.76
C LEU B 7 4.85 -6.78 21.45
N LYS B 8 4.23 -7.93 21.11
CA LYS B 8 3.40 -7.97 19.91
C LYS B 8 2.23 -7.00 20.02
N GLU B 9 1.63 -6.88 21.22
CA GLU B 9 0.51 -5.96 21.38
C GLU B 9 0.97 -4.52 21.22
N GLN B 10 2.17 -4.18 21.72
CA GLN B 10 2.73 -2.85 21.47
C GLN B 10 2.95 -2.63 19.98
N GLY B 11 3.49 -3.63 19.29
CA GLY B 11 3.65 -3.52 17.84
C GLY B 11 2.33 -3.26 17.13
N ASN B 12 1.29 -3.99 17.53
CA ASN B 12 -0.02 -3.83 16.90
C ASN B 12 -0.58 -2.43 17.12
N ARG B 13 -0.37 -1.85 18.31
CA ARG B 13 -0.87 -0.49 18.51
C ARG B 13 -0.14 0.50 17.60
N LEU B 14 1.18 0.34 17.47
CA LEU B 14 1.97 1.20 16.59
C LEU B 14 1.57 1.02 15.13
N PHE B 15 1.29 -0.23 14.73
CA PHE B 15 0.81 -0.48 13.39
C PHE B 15 -0.48 0.27 13.09
N VAL B 16 -1.45 0.19 14.02
CA VAL B 16 -2.72 0.88 13.83
C VAL B 16 -2.53 2.38 13.74
N GLY B 17 -1.56 2.92 14.48
CA GLY B 17 -1.17 4.32 14.39
C GLY B 17 -0.28 4.65 13.22
N ARG B 18 -0.05 3.69 12.31
CA ARG B 18 0.70 3.93 11.09
C ARG B 18 2.17 4.26 11.34
N LYS B 19 2.72 3.74 12.43
CA LYS B 19 4.14 3.93 12.76
C LYS B 19 4.87 2.62 12.47
N TYR B 20 5.20 2.43 11.19
CA TYR B 20 5.60 1.10 10.73
C TYR B 20 7.01 0.70 11.13
N PRO B 21 8.04 1.57 11.04
CA PRO B 21 9.36 1.16 11.56
C PRO B 21 9.34 0.84 13.03
N GLU B 22 8.57 1.59 13.81
CA GLU B 22 8.51 1.34 15.25
C GLU B 22 7.77 0.04 15.54
N ALA B 23 6.66 -0.21 14.84
CA ALA B 23 5.95 -1.48 15.01
C ALA B 23 6.86 -2.64 14.65
N ALA B 24 7.59 -2.52 13.53
CA ALA B 24 8.49 -3.59 13.13
C ALA B 24 9.56 -3.84 14.20
N ALA B 25 10.04 -2.78 14.84
CA ALA B 25 11.02 -2.96 15.90
C ALA B 25 10.41 -3.72 17.08
N CYS B 26 9.16 -3.40 17.43
CA CYS B 26 8.49 -4.13 18.51
C CYS B 26 8.33 -5.60 18.18
N TYR B 27 8.00 -5.93 16.93
CA TYR B 27 7.91 -7.33 16.56
C TYR B 27 9.27 -8.00 16.66
N GLY B 28 10.34 -7.27 16.34
CA GLY B 28 11.68 -7.83 16.52
C GLY B 28 11.96 -8.15 17.97
N ARG B 29 11.50 -7.28 18.88
CA ARG B 29 11.67 -7.55 20.30
C ARG B 29 10.87 -8.77 20.72
N ALA B 30 9.65 -8.93 20.19
CA ALA B 30 8.86 -10.13 20.44
C ALA B 30 9.61 -11.38 19.97
N ILE B 31 10.21 -11.31 18.78
CA ILE B 31 10.99 -12.42 18.25
C ILE B 31 12.17 -12.75 19.18
N THR B 32 12.78 -11.74 19.76
CA THR B 32 13.85 -12.01 20.71
C THR B 32 13.35 -12.83 21.90
N ARG B 33 12.14 -12.56 22.38
CA ARG B 33 11.60 -13.34 23.50
C ARG B 33 11.15 -14.72 23.06
N ASN B 34 10.59 -14.85 21.87
CA ASN B 34 10.15 -16.15 21.38
C ASN B 34 10.21 -16.11 19.86
N PRO B 35 11.23 -16.70 19.27
CA PRO B 35 11.40 -16.64 17.80
C PRO B 35 10.70 -17.75 17.04
N LEU B 36 9.82 -18.50 17.69
CA LEU B 36 9.19 -19.68 17.12
C LEU B 36 7.69 -19.47 16.91
N VAL B 37 7.28 -18.22 16.72
CA VAL B 37 5.87 -17.85 16.57
C VAL B 37 5.72 -17.19 15.20
N ALA B 38 5.00 -17.84 14.27
CA ALA B 38 4.91 -17.35 12.89
C ALA B 38 4.31 -15.95 12.82
N VAL B 39 3.30 -15.66 13.65
CA VAL B 39 2.59 -14.38 13.57
C VAL B 39 3.52 -13.18 13.72
N TYR B 40 4.60 -13.29 14.51
CA TYR B 40 5.46 -12.12 14.67
C TYR B 40 6.13 -11.78 13.36
N TYR B 41 6.51 -12.80 12.58
CA TYR B 41 7.15 -12.60 11.29
C TYR B 41 6.15 -12.11 10.25
N THR B 42 4.94 -12.66 10.25
CA THR B 42 3.92 -12.17 9.33
CA THR B 42 3.96 -12.15 9.29
C THR B 42 3.58 -10.71 9.61
N ASN B 43 3.45 -10.35 10.90
CA ASN B 43 3.17 -8.95 11.22
C ASN B 43 4.32 -8.07 10.77
N ARG B 44 5.56 -8.50 11.02
CA ARG B 44 6.67 -7.65 10.63
C ARG B 44 6.79 -7.55 9.11
N ALA B 45 6.52 -8.65 8.39
CA ALA B 45 6.53 -8.62 6.93
C ALA B 45 5.59 -7.56 6.39
N LEU B 46 4.39 -7.44 6.98
CA LEU B 46 3.46 -6.41 6.53
C LEU B 46 4.01 -5.01 6.78
N CYS B 47 4.69 -4.82 7.92
CA CYS B 47 5.35 -3.54 8.18
C CYS B 47 6.36 -3.23 7.08
N TYR B 48 7.18 -4.22 6.74
CA TYR B 48 8.23 -4.02 5.74
C TYR B 48 7.63 -3.70 4.37
N LEU B 49 6.50 -4.34 4.04
CA LEU B 49 5.79 -3.99 2.80
C LEU B 49 5.40 -2.53 2.80
N LYS B 50 4.86 -2.06 3.94
CA LYS B 50 4.44 -0.66 3.99
C LYS B 50 5.64 0.27 3.86
N MET B 51 6.83 -0.20 4.26
CA MET B 51 8.07 0.55 4.22
C MET B 51 8.83 0.37 2.90
N GLN B 52 8.25 -0.33 1.93
CA GLN B 52 8.87 -0.59 0.64
C GLN B 52 10.14 -1.44 0.77
N GLN B 53 10.24 -2.21 1.85
CA GLN B 53 11.40 -3.06 2.11
CA GLN B 53 11.40 -3.05 2.09
C GLN B 53 11.07 -4.51 1.73
N HIS B 54 10.99 -4.72 0.42
CA HIS B 54 10.47 -5.99 -0.10
C HIS B 54 11.37 -7.18 0.23
N GLU B 55 12.70 -7.01 0.12
CA GLU B 55 13.58 -8.12 0.43
C GLU B 55 13.42 -8.57 1.88
N GLN B 56 13.32 -7.61 2.81
CA GLN B 56 13.10 -7.95 4.21
C GLN B 56 11.73 -8.57 4.43
N ALA B 57 10.70 -8.05 3.74
CA ALA B 57 9.38 -8.67 3.84
C ALA B 57 9.40 -10.12 3.37
N LEU B 58 10.04 -10.38 2.24
CA LEU B 58 10.12 -11.75 1.70
C LEU B 58 10.78 -12.69 2.70
N ALA B 59 11.90 -12.26 3.28
CA ALA B 59 12.59 -13.09 4.26
C ALA B 59 11.70 -13.40 5.46
N ASP B 60 10.91 -12.43 5.93
CA ASP B 60 10.01 -12.70 7.06
C ASP B 60 8.89 -13.66 6.67
N CYS B 61 8.35 -13.52 5.46
CA CYS B 61 7.35 -14.48 5.00
C CYS B 61 7.92 -15.89 4.98
N ARG B 62 9.16 -16.04 4.53
CA ARG B 62 9.77 -17.37 4.50
C ARG B 62 9.95 -17.91 5.92
N ARG B 63 10.35 -17.04 6.85
CA ARG B 63 10.49 -17.50 8.23
C ARG B 63 9.15 -17.94 8.80
N ALA B 64 8.09 -17.17 8.53
CA ALA B 64 6.76 -17.53 8.99
C ALA B 64 6.31 -18.86 8.39
N LEU B 65 6.54 -19.06 7.09
CA LEU B 65 6.07 -20.29 6.46
C LEU B 65 6.80 -21.52 6.95
N GLU B 66 8.01 -21.37 7.48
CA GLU B 66 8.72 -22.52 8.01
C GLU B 66 8.14 -22.94 9.36
N LEU B 67 7.50 -22.00 10.05
CA LEU B 67 6.84 -22.24 11.32
C LEU B 67 5.37 -22.61 11.17
N ASP B 68 4.67 -22.05 10.17
CA ASP B 68 3.24 -22.29 9.95
C ASP B 68 3.00 -22.39 8.44
N GLY B 69 3.08 -23.61 7.91
CA GLY B 69 2.89 -23.79 6.48
C GLY B 69 1.48 -23.54 5.98
N GLN B 70 0.51 -23.43 6.87
CA GLN B 70 -0.87 -23.18 6.48
C GLN B 70 -1.26 -21.70 6.62
N SER B 71 -0.30 -20.81 6.85
CA SER B 71 -0.62 -19.42 7.11
C SER B 71 -1.20 -18.73 5.88
N VAL B 72 -2.44 -18.27 5.98
CA VAL B 72 -3.05 -17.50 4.90
C VAL B 72 -2.27 -16.21 4.68
N LYS B 73 -2.01 -15.49 5.76
CA LYS B 73 -1.38 -14.18 5.63
C LYS B 73 0.06 -14.27 5.15
N ALA B 74 0.82 -15.29 5.56
CA ALA B 74 2.18 -15.39 5.05
C ALA B 74 2.18 -15.61 3.55
N HIS B 75 1.25 -16.43 3.04
CA HIS B 75 1.17 -16.62 1.59
C HIS B 75 0.70 -15.36 0.90
N PHE B 76 -0.29 -14.66 1.48
CA PHE B 76 -0.80 -13.47 0.82
C PHE B 76 0.25 -12.37 0.81
N PHE B 77 0.92 -12.14 1.94
CA PHE B 77 1.91 -11.07 1.97
C PHE B 77 3.09 -11.42 1.07
N LEU B 78 3.44 -12.71 0.98
CA LEU B 78 4.47 -13.12 0.04
C LEU B 78 4.04 -12.80 -1.39
N GLY B 79 2.79 -13.11 -1.72
CA GLY B 79 2.26 -12.81 -3.04
C GLY B 79 2.24 -11.32 -3.36
N GLN B 80 1.83 -10.50 -2.39
CA GLN B 80 1.89 -9.05 -2.58
C GLN B 80 3.32 -8.58 -2.79
N CYS B 81 4.22 -9.15 -2.02
CA CYS B 81 5.61 -8.74 -2.20
C CYS B 81 6.11 -9.13 -3.59
N GLN B 82 5.88 -10.35 -4.06
CA GLN B 82 6.30 -10.73 -5.40
C GLN B 82 5.62 -9.90 -6.49
N LEU B 83 4.35 -9.54 -6.28
CA LEU B 83 3.65 -8.67 -7.23
C LEU B 83 4.34 -7.32 -7.34
N GLU B 84 4.65 -6.71 -6.19
CA GLU B 84 5.30 -5.39 -6.24
C GLU B 84 6.71 -5.47 -6.80
N MET B 85 7.35 -6.63 -6.71
CA MET B 85 8.64 -6.92 -7.31
C MET B 85 8.52 -7.38 -8.76
N GLU B 86 7.32 -7.44 -9.32
CA GLU B 86 7.09 -7.83 -10.72
C GLU B 86 7.32 -9.32 -10.99
N SER B 87 7.26 -10.16 -9.95
CA SER B 87 7.37 -11.60 -10.14
C SER B 87 5.94 -12.17 -10.19
N TYR B 88 5.30 -11.97 -11.34
CA TYR B 88 3.85 -12.14 -11.43
C TYR B 88 3.43 -13.60 -11.31
N ASP B 89 4.13 -14.53 -12.00
CA ASP B 89 3.75 -15.93 -11.93
C ASP B 89 3.80 -16.45 -10.51
N GLU B 90 4.89 -16.17 -9.80
CA GLU B 90 5.01 -16.58 -8.41
C GLU B 90 3.95 -15.94 -7.55
N ALA B 91 3.69 -14.64 -7.78
CA ALA B 91 2.66 -13.93 -7.04
C ALA B 91 1.31 -14.63 -7.17
N ILE B 92 0.91 -14.94 -8.41
CA ILE B 92 -0.36 -15.63 -8.66
C ILE B 92 -0.44 -16.93 -7.86
N ALA B 93 0.62 -17.73 -7.89
CA ALA B 93 0.62 -18.99 -7.17
C ALA B 93 0.37 -18.78 -5.68
N ASN B 94 1.06 -17.81 -5.08
CA ASN B 94 0.94 -17.60 -3.64
C ASN B 94 -0.39 -16.97 -3.25
N LEU B 95 -0.91 -16.07 -4.10
CA LEU B 95 -2.23 -15.50 -3.84
C LEU B 95 -3.32 -16.55 -3.98
N GLN B 96 -3.21 -17.43 -5.00
CA GLN B 96 -4.17 -18.53 -5.15
C GLN B 96 -4.11 -19.47 -3.95
N ARG B 97 -2.92 -19.76 -3.46
CA ARG B 97 -2.80 -20.62 -2.29
C ARG B 97 -3.41 -19.95 -1.06
N ALA B 98 -3.18 -18.65 -0.89
CA ALA B 98 -3.84 -17.90 0.19
C ALA B 98 -5.36 -18.02 0.10
N TYR B 99 -5.92 -17.88 -1.09
CA TYR B 99 -7.35 -18.02 -1.30
C TYR B 99 -7.84 -19.40 -0.85
N SER B 100 -7.15 -20.45 -1.29
CA SER B 100 -7.58 -21.80 -0.94
C SER B 100 -7.45 -22.06 0.55
N LEU B 101 -6.36 -21.60 1.17
CA LEU B 101 -6.20 -21.74 2.61
C LEU B 101 -7.27 -20.96 3.38
N ALA B 102 -7.61 -19.76 2.90
CA ALA B 102 -8.66 -19.00 3.55
C ALA B 102 -10.00 -19.71 3.48
N LYS B 103 -10.31 -20.34 2.35
CA LYS B 103 -11.55 -21.10 2.25
C LYS B 103 -11.57 -22.24 3.24
N GLU B 104 -10.48 -23.01 3.29
CA GLU B 104 -10.38 -24.14 4.21
C GLU B 104 -10.54 -23.68 5.65
N GLN B 105 -9.98 -22.54 5.99
CA GLN B 105 -9.99 -22.04 7.35
C GLN B 105 -11.22 -21.19 7.65
N ARG B 106 -12.12 -21.02 6.70
CA ARG B 106 -13.35 -20.25 6.90
C ARG B 106 -13.06 -18.80 7.27
N LEU B 107 -12.02 -18.24 6.65
CA LEU B 107 -11.73 -16.82 6.75
C LEU B 107 -12.29 -16.14 5.51
N ASN B 108 -12.90 -14.99 5.71
CA ASN B 108 -13.48 -14.23 4.60
C ASN B 108 -13.00 -12.79 4.69
N PHE B 109 -12.08 -12.41 3.79
CA PHE B 109 -11.61 -11.03 3.70
C PHE B 109 -12.25 -10.27 2.55
N GLY B 110 -13.46 -10.68 2.15
CA GLY B 110 -14.17 -9.92 1.14
C GLY B 110 -13.46 -10.07 -0.18
N ASP B 111 -13.26 -8.95 -0.86
CA ASP B 111 -12.64 -8.97 -2.17
C ASP B 111 -11.12 -8.86 -2.12
N ASP B 112 -10.49 -8.93 -0.94
CA ASP B 112 -9.06 -8.67 -0.84
C ASP B 112 -8.24 -9.66 -1.69
N ILE B 113 -8.44 -10.95 -1.46
CA ILE B 113 -7.64 -11.94 -2.19
C ILE B 113 -8.00 -11.98 -3.67
N PRO B 114 -9.27 -12.06 -4.07
CA PRO B 114 -9.58 -12.01 -5.52
C PRO B 114 -9.09 -10.74 -6.20
N SER B 115 -9.22 -9.57 -5.56
CA SER B 115 -8.74 -8.33 -6.20
C SER B 115 -7.23 -8.37 -6.41
N ALA B 116 -6.48 -8.92 -5.45
CA ALA B 116 -5.03 -9.02 -5.64
C ALA B 116 -4.71 -9.97 -6.79
N LEU B 117 -5.45 -11.06 -6.89
CA LEU B 117 -5.28 -11.99 -8.01
C LEU B 117 -5.52 -11.29 -9.35
N ARG B 118 -6.54 -10.44 -9.43
CA ARG B 118 -6.84 -9.79 -10.71
C ARG B 118 -5.74 -8.80 -11.10
N ILE B 119 -5.17 -8.09 -10.11
CA ILE B 119 -4.02 -7.23 -10.39
C ILE B 119 -2.88 -8.05 -10.98
N ALA B 120 -2.55 -9.17 -10.34
CA ALA B 120 -1.40 -9.94 -10.78
C ALA B 120 -1.61 -10.54 -12.17
N LYS B 121 -2.82 -11.05 -12.46
CA LYS B 121 -3.10 -11.65 -13.76
C LYS B 121 -3.11 -10.61 -14.86
N LYS B 122 -3.63 -9.41 -14.58
CA LYS B 122 -3.58 -8.34 -15.57
C LYS B 122 -2.13 -7.92 -15.85
N LYS B 123 -1.31 -7.79 -14.81
CA LYS B 123 0.11 -7.50 -15.02
C LYS B 123 0.78 -8.59 -15.82
N ARG B 124 0.46 -9.86 -15.52
CA ARG B 124 1.08 -10.97 -16.23
C ARG B 124 0.72 -10.97 -17.72
N TRP B 125 -0.56 -10.76 -18.05
CA TRP B 125 -0.96 -10.73 -19.45
C TRP B 125 -0.31 -9.55 -20.17
N ASN B 126 -0.35 -8.36 -19.55
CA ASN B 126 0.35 -7.20 -20.08
C ASN B 126 1.79 -7.55 -20.43
N SER B 127 2.49 -8.19 -19.49
CA SER B 127 3.91 -8.48 -19.67
C SER B 127 4.14 -9.46 -20.81
N ILE B 128 3.31 -10.51 -20.90
CA ILE B 128 3.43 -11.45 -22.02
C ILE B 128 3.22 -10.73 -23.34
N GLU B 129 2.27 -9.78 -23.38
CA GLU B 129 2.01 -9.04 -24.62
C GLU B 129 3.16 -8.11 -24.98
N GLU B 130 3.80 -7.50 -23.97
CA GLU B 130 4.93 -6.62 -24.26
C GLU B 130 6.09 -7.37 -24.90
N ARG B 131 6.25 -8.67 -24.59
CA ARG B 131 7.36 -9.45 -25.10
C ARG B 131 7.07 -10.15 -26.43
N ARG B 132 5.82 -10.21 -26.86
CA ARG B 132 5.46 -10.92 -28.07
C ARG B 132 6.04 -10.26 -29.32
N ILE C 2 -7.50 -8.19 5.07
CA ILE C 2 -6.35 -9.09 5.22
C ILE C 2 -5.06 -8.34 5.59
N GLU C 3 -4.96 -7.07 5.17
CA GLU C 3 -3.76 -6.26 5.43
C GLU C 3 -3.82 -5.65 6.83
N GLU C 4 -3.87 -6.53 7.83
CA GLU C 4 -3.95 -6.13 9.22
C GLU C 4 -3.10 -7.09 10.04
N VAL C 5 -2.63 -6.62 11.18
CA VAL C 5 -1.75 -7.44 12.01
C VAL C 5 -2.60 -8.33 12.92
N ASP C 6 -2.00 -9.43 13.37
CA ASP C 6 -2.69 -10.37 14.24
C ASP C 6 -2.13 -10.31 15.66
N ILE D 2 -3.42 10.50 5.71
CA ILE D 2 -3.36 11.17 4.41
C ILE D 2 -3.80 10.26 3.26
N GLU D 3 -3.67 8.95 3.45
CA GLU D 3 -4.01 8.00 2.38
C GLU D 3 -5.50 7.64 2.47
N GLU D 4 -6.31 8.70 2.36
CA GLU D 4 -7.76 8.60 2.44
CA GLU D 4 -7.76 8.62 2.47
C GLU D 4 -8.38 9.50 1.40
N VAL D 5 -9.58 9.15 0.97
CA VAL D 5 -10.26 9.94 -0.06
C VAL D 5 -10.99 11.12 0.55
N ASP D 6 -11.16 12.16 -0.25
CA ASP D 6 -11.84 13.39 0.15
C ASP D 6 -13.21 13.49 -0.49
#